data_5Y4K
#
_entry.id   5Y4K
#
_cell.length_a   60.841
_cell.length_b   72.646
_cell.length_c   89.547
_cell.angle_alpha   90.00
_cell.angle_beta   90.00
_cell.angle_gamma   90.00
#
_symmetry.space_group_name_H-M   'P 21 21 21'
#
loop_
_entity.id
_entity.type
_entity.pdbx_description
1 polymer 'DMSP lyase DddY'
2 non-polymer 'ZINC ION'
3 non-polymer 'ACRYLIC ACID'
4 water water
#
_entity_poly.entity_id   1
_entity_poly.type   'polypeptide(L)'
_entity_poly.pdbx_seq_one_letter_code
;MHKRFLGTIFGATLTCFQAQAAQFQCQDDVKPTSYTTEEQKLVDQFWNESLIYLDQYLKALETPTGQCKDSAQATIQTYN
SETGKMQTQCIMKYRDVELVAKHLKAVLAEPDKAKACFDPQKNYKAFPLYTPSAHVQNLSATSKWINRPLLTDYYKKIGG
EIGAAGLELNENFLEITSRTDTTLHWTKDVSIKGLPTLWSSVGWIPFYAENPNAGSDRFRGGYLYAEVMGPWGNLRIKEI
DGEKVGAEIGMTAQLFNTSAPYHYHHPQEIYMTLTKPQCIDQNKHMVMHWDNNQFKQKRSDNGWTVNIDGSKGKWKKWFS
NQDPEQNWLTYFERNAIHAFHTLEGCNQTIKNSGLVTVWARTTAQDNNQTTQLCRPMTGAKDIKTMKPEDKAICDLDDWK
PHHHHHH
;
_entity_poly.pdbx_strand_id   A
#
# COMPACT_ATOMS: atom_id res chain seq x y z
N ALA A 22 -3.89 13.23 -25.81
CA ALA A 22 -3.59 11.81 -25.70
C ALA A 22 -4.88 11.00 -25.82
N GLN A 23 -4.74 9.71 -26.11
CA GLN A 23 -5.88 8.82 -26.30
C GLN A 23 -5.94 7.85 -25.12
N PHE A 24 -7.09 7.79 -24.46
CA PHE A 24 -7.29 6.97 -23.26
C PHE A 24 -8.16 5.76 -23.58
N GLN A 25 -7.67 4.56 -23.30
CA GLN A 25 -8.49 3.36 -23.40
C GLN A 25 -8.75 2.84 -22.00
N CYS A 26 -10.03 2.73 -21.64
CA CYS A 26 -10.37 2.27 -20.31
C CYS A 26 -10.25 0.76 -20.19
N GLN A 27 -10.19 0.28 -18.94
CA GLN A 27 -10.28 -1.13 -18.68
C GLN A 27 -11.64 -1.67 -19.12
N ASP A 28 -11.69 -2.96 -19.38
CA ASP A 28 -12.88 -3.57 -19.96
C ASP A 28 -14.08 -3.59 -19.01
N ASP A 29 -13.88 -3.46 -17.71
CA ASP A 29 -15.01 -3.45 -16.78
C ASP A 29 -15.47 -2.04 -16.45
N VAL A 30 -15.00 -1.03 -17.18
CA VAL A 30 -15.54 0.30 -17.08
C VAL A 30 -16.77 0.34 -17.98
N LYS A 31 -17.94 0.44 -17.39
CA LYS A 31 -19.16 0.42 -18.18
C LYS A 31 -19.79 1.80 -18.21
N PRO A 32 -20.44 2.20 -19.31
CA PRO A 32 -21.02 3.54 -19.36
C PRO A 32 -22.08 3.66 -18.26
N THR A 33 -22.18 4.87 -17.72
CA THR A 33 -23.06 5.13 -16.61
C THR A 33 -23.79 6.44 -16.84
N SER A 34 -24.96 6.55 -16.23
CA SER A 34 -25.72 7.79 -16.27
C SER A 34 -26.14 8.11 -14.85
N TYR A 35 -25.84 9.31 -14.40
CA TYR A 35 -26.16 9.74 -13.05
C TYR A 35 -27.21 10.83 -13.08
N THR A 36 -28.04 10.89 -12.05
CA THR A 36 -28.86 12.07 -11.89
C THR A 36 -27.95 13.28 -11.67
N THR A 37 -28.54 14.47 -11.75
CA THR A 37 -27.76 15.67 -11.50
C THR A 37 -27.17 15.64 -10.09
N GLU A 38 -27.94 15.18 -9.11
CA GLU A 38 -27.43 15.14 -7.75
C GLU A 38 -26.37 14.06 -7.59
N GLU A 39 -26.55 12.91 -8.24
CA GLU A 39 -25.53 11.87 -8.18
C GLU A 39 -24.24 12.34 -8.82
N GLN A 40 -24.33 13.09 -9.93
CA GLN A 40 -23.12 13.52 -10.62
C GLN A 40 -22.25 14.40 -9.75
N LYS A 41 -22.88 15.22 -8.88
CA LYS A 41 -22.11 16.05 -7.96
C LYS A 41 -21.34 15.18 -6.96
N LEU A 42 -21.92 14.04 -6.57
CA LEU A 42 -21.23 13.14 -5.64
C LEU A 42 -20.05 12.47 -6.32
N VAL A 43 -20.23 12.06 -7.56
CA VAL A 43 -19.12 11.54 -8.35
C VAL A 43 -18.06 12.60 -8.56
N ASP A 44 -18.48 13.83 -8.86
CA ASP A 44 -17.52 14.89 -9.20
C ASP A 44 -16.61 15.23 -8.02
N GLN A 45 -17.17 15.24 -6.80
CA GLN A 45 -16.32 15.55 -5.65
C GLN A 45 -15.30 14.44 -5.41
N PHE A 46 -15.74 13.19 -5.57
CA PHE A 46 -14.84 12.03 -5.55
C PHE A 46 -13.73 12.17 -6.59
N TRP A 47 -14.11 12.52 -7.83
CA TRP A 47 -13.13 12.69 -8.90
C TRP A 47 -12.15 13.83 -8.61
N ASN A 48 -12.65 14.96 -8.13
CA ASN A 48 -11.78 16.10 -7.88
C ASN A 48 -10.72 15.77 -6.84
N GLU A 49 -11.10 15.09 -5.76
CA GLU A 49 -10.13 14.73 -4.73
C GLU A 49 -9.19 13.63 -5.23
N SER A 50 -9.66 12.73 -6.10
CA SER A 50 -8.75 11.78 -6.75
C SER A 50 -7.67 12.50 -7.54
N LEU A 51 -8.06 13.54 -8.29
CA LEU A 51 -7.07 14.30 -9.06
C LEU A 51 -6.07 15.01 -8.15
N ILE A 52 -6.52 15.54 -7.02
CA ILE A 52 -5.58 16.16 -6.08
C ILE A 52 -4.59 15.11 -5.57
N TYR A 53 -5.10 13.94 -5.20
CA TYR A 53 -4.26 12.85 -4.71
C TYR A 53 -3.21 12.47 -5.74
N LEU A 54 -3.61 12.37 -7.01
CA LEU A 54 -2.69 11.95 -8.06
C LEU A 54 -1.71 13.05 -8.43
N ASP A 55 -2.15 14.31 -8.39
CA ASP A 55 -1.22 15.42 -8.60
C ASP A 55 -0.19 15.49 -7.47
N GLN A 56 -0.64 15.30 -6.22
CA GLN A 56 0.30 15.25 -5.10
C GLN A 56 1.23 14.06 -5.22
N TYR A 57 0.72 12.93 -5.72
CA TYR A 57 1.57 11.76 -5.92
C TYR A 57 2.67 12.07 -6.93
N LEU A 58 2.32 12.73 -8.04
CA LEU A 58 3.31 13.11 -9.03
C LEU A 58 4.37 14.03 -8.42
N LYS A 59 3.93 15.04 -7.67
CA LYS A 59 4.87 15.95 -7.04
C LYS A 59 5.76 15.24 -6.03
N ALA A 60 5.22 14.23 -5.33
CA ALA A 60 6.03 13.48 -4.37
C ALA A 60 7.12 12.66 -5.05
N LEU A 61 6.84 12.14 -6.25
CA LEU A 61 7.87 11.44 -7.02
C LEU A 61 8.92 12.40 -7.56
N GLU A 62 8.48 13.54 -8.09
CA GLU A 62 9.33 14.40 -8.90
C GLU A 62 10.08 15.47 -8.12
N THR A 63 9.59 15.87 -6.94
CA THR A 63 10.27 16.94 -6.20
C THR A 63 11.57 16.41 -5.60
N PRO A 64 12.72 17.04 -5.86
CA PRO A 64 13.99 16.52 -5.33
C PRO A 64 14.02 16.56 -3.81
N THR A 65 14.60 15.51 -3.23
CA THR A 65 14.86 15.45 -1.79
C THR A 65 16.24 14.84 -1.56
N GLY A 66 16.72 14.96 -0.32
CA GLY A 66 18.02 14.40 0.02
C GLY A 66 19.11 14.94 -0.90
N GLN A 67 19.96 14.04 -1.40
CA GLN A 67 21.02 14.42 -2.31
C GLN A 67 20.67 14.13 -3.76
N CYS A 68 19.39 13.89 -4.06
CA CYS A 68 18.93 13.71 -5.43
C CYS A 68 18.56 15.07 -6.03
N LYS A 69 18.95 15.29 -7.28
CA LYS A 69 18.76 16.57 -7.94
C LYS A 69 17.44 16.68 -8.70
N ASP A 70 16.96 15.57 -9.26
CA ASP A 70 15.86 15.63 -10.21
C ASP A 70 14.61 14.85 -9.79
N SER A 71 14.63 14.18 -8.64
CA SER A 71 13.45 13.45 -8.16
C SER A 71 13.70 13.08 -6.69
N ALA A 72 12.71 12.43 -6.09
CA ALA A 72 12.79 12.12 -4.66
C ALA A 72 13.75 10.97 -4.38
N GLN A 73 14.47 11.08 -3.26
CA GLN A 73 15.41 10.06 -2.83
C GLN A 73 14.68 8.96 -2.08
N ALA A 74 14.74 7.74 -2.61
CA ALA A 74 14.01 6.61 -2.02
C ALA A 74 14.97 5.61 -1.41
N THR A 75 14.58 5.05 -0.27
CA THR A 75 15.26 3.87 0.25
C THR A 75 14.93 2.67 -0.63
N ILE A 76 15.96 1.96 -1.12
CA ILE A 76 15.74 0.75 -1.88
C ILE A 76 16.29 -0.50 -1.19
N GLN A 77 17.23 -0.35 -0.25
CA GLN A 77 17.55 -1.41 0.71
C GLN A 77 17.68 -0.79 2.09
N THR A 78 17.00 -1.37 3.07
CA THR A 78 17.18 -0.92 4.44
C THR A 78 18.48 -1.43 5.04
N TYR A 79 19.08 -2.47 4.46
CA TYR A 79 20.40 -2.94 4.88
C TYR A 79 21.12 -3.47 3.66
N ASN A 80 22.12 -2.73 3.17
CA ASN A 80 23.03 -3.20 2.12
C ASN A 80 24.09 -4.06 2.79
N SER A 81 24.24 -5.30 2.33
CA SER A 81 25.12 -6.24 3.03
C SER A 81 26.58 -5.79 2.99
N GLU A 82 27.00 -5.15 1.90
CA GLU A 82 28.39 -4.75 1.73
C GLU A 82 28.73 -3.51 2.55
N THR A 83 27.81 -2.56 2.68
CA THR A 83 28.08 -1.35 3.43
C THR A 83 27.59 -1.40 4.86
N GLY A 84 26.69 -2.31 5.19
CA GLY A 84 26.08 -2.29 6.52
C GLY A 84 25.23 -1.08 6.78
N LYS A 85 24.76 -0.41 5.73
CA LYS A 85 24.01 0.85 5.84
C LYS A 85 22.83 0.78 4.87
N MET A 86 21.86 1.68 5.08
CA MET A 86 20.76 1.81 4.12
C MET A 86 21.32 2.20 2.74
N GLN A 87 20.57 1.84 1.69
CA GLN A 87 20.92 2.14 0.30
C GLN A 87 19.75 2.87 -0.34
N THR A 88 20.04 3.94 -1.07
CA THR A 88 19.01 4.78 -1.67
C THR A 88 19.22 4.91 -3.18
N GLN A 89 18.19 5.43 -3.84
CA GLN A 89 18.27 5.75 -5.25
C GLN A 89 17.28 6.85 -5.54
N CYS A 90 17.64 7.72 -6.48
CA CYS A 90 16.70 8.73 -6.97
C CYS A 90 15.59 8.04 -7.75
N ILE A 91 14.35 8.23 -7.31
CA ILE A 91 13.32 7.25 -7.67
C ILE A 91 12.98 7.32 -9.16
N MET A 92 13.13 8.48 -9.80
CA MET A 92 12.79 8.58 -11.21
C MET A 92 13.85 7.98 -12.12
N LYS A 93 14.95 7.45 -11.56
CA LYS A 93 15.90 6.69 -12.37
C LYS A 93 15.33 5.36 -12.83
N TYR A 94 14.30 4.86 -12.15
CA TYR A 94 13.65 3.63 -12.58
C TYR A 94 12.67 3.93 -13.71
N ARG A 95 12.83 3.23 -14.84
CA ARG A 95 12.00 3.51 -16.00
C ARG A 95 10.52 3.30 -15.70
N ASP A 96 10.18 2.29 -14.89
CA ASP A 96 8.78 2.06 -14.55
C ASP A 96 8.20 3.24 -13.75
N VAL A 97 9.00 3.85 -12.88
CA VAL A 97 8.52 5.05 -12.17
C VAL A 97 8.36 6.21 -13.14
N GLU A 98 9.33 6.38 -14.03
CA GLU A 98 9.25 7.40 -15.07
C GLU A 98 7.95 7.30 -15.87
N LEU A 99 7.52 6.06 -16.16
CA LEU A 99 6.29 5.87 -16.91
C LEU A 99 5.05 6.18 -16.08
N VAL A 100 5.04 5.79 -14.79
CA VAL A 100 3.95 6.23 -13.91
C VAL A 100 3.81 7.74 -13.98
N ALA A 101 4.92 8.46 -13.84
CA ALA A 101 4.87 9.91 -13.87
C ALA A 101 4.35 10.42 -15.21
N LYS A 102 4.83 9.83 -16.31
CA LYS A 102 4.31 10.18 -17.64
C LYS A 102 2.80 10.01 -17.69
N HIS A 103 2.28 8.89 -17.18
CA HIS A 103 0.84 8.63 -17.28
C HIS A 103 0.04 9.51 -16.33
N LEU A 104 0.57 9.81 -15.15
CA LEU A 104 -0.08 10.79 -14.27
C LEU A 104 -0.16 12.16 -14.93
N LYS A 105 0.95 12.60 -15.54
CA LYS A 105 0.92 13.89 -16.24
C LYS A 105 -0.17 13.90 -17.31
N ALA A 106 -0.34 12.78 -18.01
CA ALA A 106 -1.35 12.72 -19.06
C ALA A 106 -2.75 12.83 -18.45
N VAL A 107 -3.00 12.11 -17.35
CA VAL A 107 -4.28 12.20 -16.65
C VAL A 107 -4.56 13.63 -16.23
N LEU A 108 -3.57 14.28 -15.61
CA LEU A 108 -3.77 15.61 -15.07
C LEU A 108 -3.91 16.66 -16.17
N ALA A 109 -3.31 16.42 -17.33
CA ALA A 109 -3.39 17.38 -18.43
C ALA A 109 -4.75 17.32 -19.14
N GLU A 110 -5.37 16.14 -19.20
CA GLU A 110 -6.69 15.98 -19.83
C GLU A 110 -7.60 15.19 -18.91
N PRO A 111 -8.01 15.78 -17.78
CA PRO A 111 -8.80 15.00 -16.82
C PRO A 111 -10.18 14.65 -17.33
N ASP A 112 -10.77 15.45 -18.23
CA ASP A 112 -12.05 15.06 -18.79
C ASP A 112 -11.94 13.73 -19.54
N LYS A 113 -10.85 13.52 -20.27
CA LYS A 113 -10.66 12.26 -20.98
C LYS A 113 -10.40 11.11 -20.01
N ALA A 114 -9.57 11.35 -18.99
CA ALA A 114 -9.29 10.31 -18.01
C ALA A 114 -10.55 9.95 -17.22
N LYS A 115 -11.43 10.93 -17.01
CA LYS A 115 -12.65 10.68 -16.25
C LYS A 115 -13.55 9.64 -16.92
N ALA A 116 -13.41 9.43 -18.23
CA ALA A 116 -14.19 8.38 -18.89
C ALA A 116 -13.91 7.02 -18.28
N CYS A 117 -12.73 6.85 -17.69
CA CYS A 117 -12.33 5.59 -17.08
C CYS A 117 -12.54 5.58 -15.57
N PHE A 118 -13.26 6.56 -15.01
CA PHE A 118 -13.47 6.72 -13.57
C PHE A 118 -14.87 6.28 -13.20
N ASP A 119 -14.97 5.50 -12.12
CA ASP A 119 -16.24 5.00 -11.67
C ASP A 119 -16.18 4.87 -10.15
N PRO A 120 -17.25 5.22 -9.43
CA PRO A 120 -17.22 5.13 -7.97
C PRO A 120 -17.29 3.73 -7.44
N GLN A 121 -17.39 2.72 -8.32
CA GLN A 121 -17.51 1.32 -7.93
C GLN A 121 -18.70 1.09 -7.01
N LYS A 122 -19.82 1.73 -7.33
CA LYS A 122 -21.04 1.54 -6.53
C LYS A 122 -21.62 0.14 -6.72
N ASN A 123 -21.50 -0.39 -7.94
CA ASN A 123 -22.01 -1.73 -8.27
C ASN A 123 -20.90 -2.54 -8.93
N TYR A 124 -19.79 -2.67 -8.20
CA TYR A 124 -18.60 -3.35 -8.69
C TYR A 124 -18.71 -4.84 -8.37
N LYS A 125 -18.58 -5.67 -9.39
CA LYS A 125 -18.86 -7.09 -9.24
C LYS A 125 -17.63 -7.97 -9.01
N ALA A 126 -16.42 -7.46 -9.27
CA ALA A 126 -15.24 -8.32 -9.22
C ALA A 126 -15.06 -8.96 -7.83
N PHE A 127 -15.27 -8.18 -6.76
CA PHE A 127 -15.14 -8.69 -5.40
C PHE A 127 -15.64 -7.64 -4.43
N PRO A 128 -15.86 -7.99 -3.16
CA PRO A 128 -16.43 -7.00 -2.23
C PRO A 128 -15.46 -5.86 -1.93
N LEU A 129 -16.01 -4.66 -1.82
CA LEU A 129 -15.32 -3.46 -1.36
C LEU A 129 -16.07 -2.93 -0.15
N TYR A 130 -15.35 -2.35 0.81
CA TYR A 130 -15.97 -1.97 2.08
C TYR A 130 -15.67 -0.52 2.46
N THR A 131 -16.46 -0.02 3.40
CA THR A 131 -16.15 1.18 4.15
C THR A 131 -15.91 0.80 5.59
N PRO A 132 -14.93 1.40 6.28
CA PRO A 132 -14.59 0.90 7.63
C PRO A 132 -15.75 0.87 8.60
N SER A 133 -16.63 1.88 8.59
CA SER A 133 -17.64 2.04 9.63
C SER A 133 -18.64 3.11 9.19
N ALA A 134 -19.76 3.16 9.92
CA ALA A 134 -20.73 4.23 9.68
C ALA A 134 -20.10 5.59 9.95
N HIS A 135 -19.24 5.67 10.96
CA HIS A 135 -18.59 6.93 11.29
C HIS A 135 -17.75 7.43 10.11
N VAL A 136 -16.98 6.53 9.50
CA VAL A 136 -16.19 6.92 8.32
C VAL A 136 -17.10 7.19 7.13
N GLN A 137 -18.14 6.38 6.97
CA GLN A 137 -19.10 6.59 5.89
C GLN A 137 -19.73 7.98 5.97
N ASN A 138 -19.98 8.47 7.18
CA ASN A 138 -20.63 9.75 7.34
C ASN A 138 -19.73 10.93 7.03
N LEU A 139 -18.46 10.70 6.73
CA LEU A 139 -17.58 11.80 6.37
C LEU A 139 -17.91 12.41 5.02
N SER A 140 -18.72 11.76 4.19
CA SER A 140 -19.03 12.36 2.92
C SER A 140 -20.37 11.87 2.40
N ALA A 141 -21.11 12.78 1.75
CA ALA A 141 -22.33 12.37 1.10
C ALA A 141 -22.06 11.31 0.03
N THR A 142 -20.90 11.40 -0.64
CA THR A 142 -20.57 10.40 -1.65
C THR A 142 -20.51 9.00 -1.05
N SER A 143 -19.82 8.85 0.09
CA SER A 143 -19.68 7.53 0.69
C SER A 143 -21.03 6.98 1.15
N LYS A 144 -21.83 7.81 1.80
CA LYS A 144 -23.19 7.41 2.16
C LYS A 144 -23.96 6.90 0.94
N TRP A 145 -23.83 7.59 -0.20
CA TRP A 145 -24.55 7.17 -1.39
C TRP A 145 -24.01 5.84 -1.94
N ILE A 146 -22.68 5.68 -1.98
CA ILE A 146 -22.13 4.42 -2.47
C ILE A 146 -22.60 3.27 -1.61
N ASN A 147 -22.65 3.47 -0.29
CA ASN A 147 -23.25 2.53 0.66
C ASN A 147 -22.58 1.17 0.61
N ARG A 148 -21.25 1.17 0.70
CA ARG A 148 -20.50 -0.09 0.78
C ARG A 148 -20.85 -0.84 2.07
N PRO A 149 -20.74 -2.16 2.07
CA PRO A 149 -20.82 -2.90 3.34
C PRO A 149 -19.74 -2.44 4.29
N LEU A 150 -20.07 -2.46 5.59
CA LEU A 150 -19.20 -1.93 6.63
C LEU A 150 -18.30 -3.03 7.20
N LEU A 151 -17.03 -2.68 7.43
CA LEU A 151 -16.11 -3.63 8.03
C LEU A 151 -16.41 -3.90 9.50
N THR A 152 -17.10 -2.97 10.18
CA THR A 152 -17.54 -3.28 11.54
C THR A 152 -18.57 -4.41 11.54
N ASP A 153 -19.42 -4.48 10.51
CA ASP A 153 -20.34 -5.61 10.39
C ASP A 153 -19.60 -6.87 9.98
N TYR A 154 -18.66 -6.74 9.05
CA TYR A 154 -17.89 -7.88 8.57
C TYR A 154 -17.16 -8.59 9.72
N TYR A 155 -16.49 -7.82 10.58
CA TYR A 155 -15.67 -8.42 11.62
C TYR A 155 -16.47 -8.84 12.86
N LYS A 156 -17.63 -8.21 13.11
CA LYS A 156 -18.52 -8.73 14.13
C LYS A 156 -19.02 -10.12 13.76
N LYS A 157 -19.30 -10.33 12.48
CA LYS A 157 -19.71 -11.65 12.01
C LYS A 157 -18.56 -12.64 12.10
N ILE A 158 -17.34 -12.22 11.76
CA ILE A 158 -16.21 -13.15 11.80
C ILE A 158 -15.88 -13.55 13.23
N GLY A 159 -15.82 -12.57 14.14
CA GLY A 159 -15.57 -12.84 15.55
C GLY A 159 -14.18 -13.40 15.80
N GLY A 160 -14.02 -13.92 17.01
CA GLY A 160 -12.74 -14.45 17.41
C GLY A 160 -11.67 -13.36 17.46
N GLU A 161 -10.41 -13.82 17.41
CA GLU A 161 -9.30 -12.88 17.53
C GLU A 161 -9.11 -12.05 16.26
N ILE A 162 -9.41 -12.61 15.09
CA ILE A 162 -9.34 -11.81 13.87
C ILE A 162 -10.39 -10.70 13.94
N GLY A 163 -11.60 -11.06 14.35
CA GLY A 163 -12.66 -10.06 14.46
C GLY A 163 -12.34 -8.99 15.48
N ALA A 164 -11.73 -9.38 16.60
CA ALA A 164 -11.36 -8.42 17.64
C ALA A 164 -10.41 -7.37 17.09
N ALA A 165 -9.39 -7.80 16.34
CA ALA A 165 -8.44 -6.85 15.74
C ALA A 165 -9.12 -6.00 14.68
N GLY A 166 -9.96 -6.61 13.85
CA GLY A 166 -10.65 -5.82 12.82
C GLY A 166 -11.59 -4.80 13.39
N LEU A 167 -12.25 -5.13 14.51
CA LEU A 167 -13.08 -4.14 15.18
C LEU A 167 -12.22 -3.02 15.76
N GLU A 168 -11.10 -3.38 16.39
CA GLU A 168 -10.24 -2.35 16.97
C GLU A 168 -9.76 -1.38 15.89
N LEU A 169 -9.35 -1.90 14.73
CA LEU A 169 -8.90 -1.03 13.66
C LEU A 169 -10.06 -0.21 13.09
N ASN A 170 -11.18 -0.87 12.79
CA ASN A 170 -12.20 -0.17 12.02
C ASN A 170 -13.06 0.73 12.88
N GLU A 171 -13.21 0.42 14.19
CA GLU A 171 -13.91 1.34 15.09
C GLU A 171 -13.13 2.62 15.33
N ASN A 172 -11.81 2.59 15.14
CA ASN A 172 -10.94 3.72 15.42
C ASN A 172 -10.21 4.17 14.16
N PHE A 173 -10.83 3.92 13.01
CA PHE A 173 -10.17 4.14 11.73
C PHE A 173 -9.81 5.60 11.53
N LEU A 174 -10.74 6.51 11.83
CA LEU A 174 -10.47 7.92 11.59
C LEU A 174 -9.31 8.41 12.44
N GLU A 175 -9.28 8.03 13.71
CA GLU A 175 -8.18 8.45 14.58
C GLU A 175 -6.85 7.87 14.10
N ILE A 176 -6.84 6.62 13.68
CA ILE A 176 -5.59 6.01 13.23
C ILE A 176 -5.10 6.70 11.97
N THR A 177 -5.99 6.90 10.99
CA THR A 177 -5.58 7.48 9.72
C THR A 177 -5.42 9.00 9.78
N SER A 178 -5.80 9.65 10.89
CA SER A 178 -5.63 11.08 11.04
C SER A 178 -4.31 11.47 11.68
N ARG A 179 -3.60 10.53 12.29
CA ARG A 179 -2.36 10.86 13.00
C ARG A 179 -1.22 10.85 12.00
N THR A 180 -1.26 11.86 11.13
CA THR A 180 -0.35 11.96 10.00
C THR A 180 0.24 13.36 9.97
N ASP A 181 1.41 13.47 9.34
CA ASP A 181 2.02 14.77 9.10
C ASP A 181 2.43 14.82 7.63
N THR A 182 1.69 15.60 6.82
CA THR A 182 1.99 15.71 5.40
C THR A 182 2.66 17.03 5.03
N THR A 183 3.10 17.80 6.03
CA THR A 183 3.55 19.16 5.76
C THR A 183 4.92 19.22 5.11
N LEU A 184 5.75 18.18 5.25
CA LEU A 184 7.09 18.29 4.71
C LEU A 184 7.21 17.83 3.25
N HIS A 185 6.57 16.73 2.85
CA HIS A 185 6.78 16.22 1.50
C HIS A 185 5.56 16.33 0.61
N TRP A 186 4.50 16.96 1.08
CA TRP A 186 3.32 17.22 0.27
C TRP A 186 3.00 18.70 0.38
N THR A 187 2.35 19.25 -0.64
CA THR A 187 1.93 20.64 -0.55
C THR A 187 0.44 20.78 -0.24
N LYS A 188 -0.30 19.67 -0.21
CA LYS A 188 -1.67 19.64 0.26
C LYS A 188 -1.83 18.41 1.13
N ASP A 189 -2.80 18.46 2.05
CA ASP A 189 -2.99 17.37 3.00
C ASP A 189 -3.69 16.20 2.31
N VAL A 190 -2.90 15.21 1.87
CA VAL A 190 -3.48 14.05 1.19
C VAL A 190 -4.08 13.02 2.15
N SER A 191 -4.08 13.29 3.45
CA SER A 191 -4.65 12.36 4.42
C SER A 191 -6.18 12.42 4.36
N ILE A 192 -6.81 11.60 5.20
CA ILE A 192 -8.27 11.58 5.31
C ILE A 192 -8.80 12.91 5.79
N LYS A 193 -7.97 13.70 6.49
CA LYS A 193 -8.42 15.01 6.93
C LYS A 193 -8.56 15.97 5.76
N GLY A 194 -7.59 15.95 4.84
CA GLY A 194 -7.66 16.88 3.72
C GLY A 194 -8.51 16.40 2.57
N LEU A 195 -8.63 15.09 2.39
CA LEU A 195 -9.40 14.52 1.28
C LEU A 195 -10.39 13.50 1.83
N PRO A 196 -11.40 13.95 2.58
CA PRO A 196 -12.31 13.00 3.23
C PRO A 196 -13.23 12.27 2.28
N THR A 197 -13.66 12.89 1.17
CA THR A 197 -14.47 12.15 0.21
C THR A 197 -13.70 10.96 -0.36
N LEU A 198 -12.46 11.20 -0.78
CA LEU A 198 -11.60 10.14 -1.30
C LEU A 198 -11.47 9.00 -0.30
N TRP A 199 -10.98 9.27 0.91
CA TRP A 199 -10.68 8.21 1.86
C TRP A 199 -11.94 7.50 2.34
N SER A 200 -13.07 8.20 2.43
CA SER A 200 -14.30 7.54 2.85
C SER A 200 -15.00 6.80 1.71
N SER A 201 -14.67 7.11 0.46
CA SER A 201 -15.42 6.53 -0.66
C SER A 201 -14.67 5.43 -1.40
N VAL A 202 -13.34 5.42 -1.34
N VAL A 202 -13.33 5.42 -1.36
CA VAL A 202 -12.57 4.36 -1.99
CA VAL A 202 -12.59 4.34 -2.00
C VAL A 202 -12.89 3.02 -1.33
C VAL A 202 -12.95 3.02 -1.36
N GLY A 203 -12.73 1.94 -2.09
CA GLY A 203 -13.06 0.62 -1.61
C GLY A 203 -11.98 -0.01 -0.75
N TRP A 204 -12.26 -0.20 0.54
CA TRP A 204 -11.30 -0.78 1.47
C TRP A 204 -11.40 -2.30 1.47
N ILE A 205 -10.25 -2.96 1.50
CA ILE A 205 -10.16 -4.40 1.30
C ILE A 205 -9.43 -5.01 2.49
N PRO A 206 -10.09 -5.91 3.29
CA PRO A 206 -9.38 -6.63 4.36
C PRO A 206 -8.56 -7.75 3.73
N PHE A 207 -7.44 -7.35 3.11
CA PHE A 207 -6.71 -8.22 2.19
C PHE A 207 -6.26 -9.54 2.84
N TYR A 208 -5.96 -9.54 4.14
CA TYR A 208 -5.42 -10.74 4.78
C TYR A 208 -6.41 -11.44 5.70
N ALA A 209 -7.63 -10.92 5.85
CA ALA A 209 -8.53 -11.43 6.86
C ALA A 209 -8.88 -12.91 6.64
N GLU A 210 -8.91 -13.36 5.39
CA GLU A 210 -9.28 -14.74 5.11
C GLU A 210 -8.10 -15.58 4.62
N ASN A 211 -6.88 -15.10 4.82
CA ASN A 211 -5.70 -15.80 4.34
C ASN A 211 -5.03 -16.51 5.51
N PRO A 212 -5.16 -17.84 5.62
CA PRO A 212 -4.55 -18.53 6.77
C PRO A 212 -3.03 -18.50 6.76
N ASN A 213 -2.40 -18.13 5.65
CA ASN A 213 -0.94 -18.05 5.59
C ASN A 213 -0.38 -16.69 5.99
N ALA A 214 -1.23 -15.71 6.32
CA ALA A 214 -0.79 -14.33 6.44
C ALA A 214 -0.36 -13.95 7.85
N GLY A 215 -0.05 -14.92 8.72
CA GLY A 215 0.52 -14.59 10.00
C GLY A 215 -0.49 -14.47 11.13
N SER A 216 -0.26 -13.56 12.07
CA SER A 216 -1.04 -13.49 13.30
C SER A 216 -2.47 -13.06 13.02
N ASP A 217 -3.38 -13.45 13.92
CA ASP A 217 -4.77 -13.02 13.82
C ASP A 217 -4.89 -11.50 13.92
N ARG A 218 -4.05 -10.85 14.74
CA ARG A 218 -4.19 -9.41 14.88
C ARG A 218 -3.73 -8.68 13.62
N PHE A 219 -2.66 -9.17 12.99
CA PHE A 219 -2.26 -8.59 11.71
C PHE A 219 -3.34 -8.81 10.66
N ARG A 220 -3.93 -10.00 10.62
CA ARG A 220 -4.91 -10.31 9.58
C ARG A 220 -6.14 -9.42 9.72
N GLY A 221 -6.63 -9.22 10.94
CA GLY A 221 -7.75 -8.32 11.14
C GLY A 221 -7.39 -6.85 11.15
N GLY A 222 -6.14 -6.52 11.45
CA GLY A 222 -5.77 -5.12 11.52
C GLY A 222 -5.09 -4.57 10.28
N TYR A 223 -5.43 -5.09 9.10
CA TYR A 223 -4.83 -4.62 7.86
C TYR A 223 -5.89 -4.26 6.82
N LEU A 224 -5.71 -3.11 6.17
CA LEU A 224 -6.59 -2.68 5.10
C LEU A 224 -5.76 -2.01 4.01
N TYR A 225 -6.21 -2.12 2.77
CA TYR A 225 -5.71 -1.24 1.73
C TYR A 225 -6.86 -0.83 0.83
N ALA A 226 -6.61 0.21 0.03
CA ALA A 226 -7.58 0.68 -0.94
C ALA A 226 -6.81 1.18 -2.17
N GLU A 227 -7.49 1.16 -3.31
CA GLU A 227 -6.88 1.49 -4.59
C GLU A 227 -7.68 2.59 -5.25
N VAL A 228 -7.05 3.78 -5.38
CA VAL A 228 -7.67 4.90 -6.09
C VAL A 228 -7.58 4.70 -7.61
N MET A 229 -6.39 4.39 -8.10
CA MET A 229 -6.13 4.24 -9.52
C MET A 229 -5.44 2.90 -9.79
N GLY A 230 -5.89 2.19 -10.82
CA GLY A 230 -5.30 0.93 -11.17
C GLY A 230 -6.30 -0.02 -11.78
N PRO A 231 -5.88 -1.25 -12.07
CA PRO A 231 -6.80 -2.21 -12.72
C PRO A 231 -8.00 -2.56 -11.85
N TRP A 232 -7.96 -2.27 -10.54
CA TRP A 232 -9.07 -2.53 -9.64
C TRP A 232 -9.47 -1.29 -8.85
N GLY A 233 -9.09 -0.10 -9.32
CA GLY A 233 -9.37 1.13 -8.61
C GLY A 233 -10.64 1.83 -9.09
N ASN A 234 -10.80 3.07 -8.66
CA ASN A 234 -11.87 3.90 -9.19
C ASN A 234 -11.52 4.45 -10.57
N LEU A 235 -10.25 4.82 -10.80
CA LEU A 235 -9.75 5.23 -12.12
C LEU A 235 -9.07 4.04 -12.77
N ARG A 236 -9.68 3.46 -13.81
CA ARG A 236 -9.18 2.22 -14.38
C ARG A 236 -8.85 2.42 -15.87
N ILE A 237 -7.67 2.96 -16.13
CA ILE A 237 -7.21 3.21 -17.49
C ILE A 237 -6.38 2.02 -17.95
N LYS A 238 -6.74 1.45 -19.10
CA LYS A 238 -5.96 0.32 -19.60
C LYS A 238 -4.73 0.79 -20.37
N GLU A 239 -4.89 1.77 -21.26
CA GLU A 239 -3.78 2.28 -22.06
C GLU A 239 -3.89 3.78 -22.26
N ILE A 240 -2.74 4.45 -22.34
CA ILE A 240 -2.64 5.83 -22.78
C ILE A 240 -1.71 5.87 -23.98
N ASP A 241 -2.23 6.30 -25.13
CA ASP A 241 -1.43 6.36 -26.35
C ASP A 241 -0.76 5.01 -26.64
N GLY A 242 -1.53 3.94 -26.47
CA GLY A 242 -1.03 2.61 -26.73
C GLY A 242 -0.07 2.05 -25.69
N GLU A 243 0.27 2.81 -24.66
CA GLU A 243 1.13 2.32 -23.58
C GLU A 243 0.27 1.75 -22.46
N LYS A 244 0.56 0.52 -22.06
CA LYS A 244 -0.12 -0.08 -20.92
C LYS A 244 0.17 0.72 -19.64
N VAL A 245 -0.89 1.07 -18.92
CA VAL A 245 -0.73 1.85 -17.70
C VAL A 245 -0.41 0.88 -16.56
N GLY A 246 0.79 0.99 -16.00
CA GLY A 246 1.19 0.11 -14.92
C GLY A 246 0.87 0.69 -13.55
N ALA A 247 0.59 1.99 -13.48
CA ALA A 247 0.39 2.66 -12.20
C ALA A 247 -0.78 2.04 -11.45
N GLU A 248 -0.58 1.83 -10.16
CA GLU A 248 -1.61 1.30 -9.25
C GLU A 248 -1.39 2.05 -7.95
N ILE A 249 -2.31 2.94 -7.57
CA ILE A 249 -2.03 3.94 -6.54
C ILE A 249 -3.17 3.95 -5.53
N GLY A 250 -2.81 3.88 -4.24
CA GLY A 250 -3.85 3.89 -3.22
C GLY A 250 -3.28 4.18 -1.84
N MET A 251 -3.71 3.42 -0.85
CA MET A 251 -3.29 3.69 0.52
C MET A 251 -3.43 2.42 1.34
N THR A 252 -2.67 2.35 2.43
CA THR A 252 -2.72 1.20 3.34
C THR A 252 -2.85 1.68 4.78
N ALA A 253 -3.37 0.78 5.62
CA ALA A 253 -3.50 1.04 7.05
C ALA A 253 -3.24 -0.26 7.80
N GLN A 254 -2.28 -0.23 8.72
CA GLN A 254 -1.89 -1.40 9.50
C GLN A 254 -1.98 -1.07 10.98
N LEU A 255 -2.74 -1.86 11.72
CA LEU A 255 -2.95 -1.59 13.14
C LEU A 255 -1.64 -1.79 13.93
N PHE A 256 -1.44 -0.94 14.95
CA PHE A 256 -0.25 -1.05 15.78
C PHE A 256 -0.20 -2.41 16.50
N ASN A 257 0.99 -2.74 17.00
CA ASN A 257 1.25 -4.00 17.70
C ASN A 257 0.94 -5.21 16.81
N THR A 258 1.32 -5.12 15.53
CA THR A 258 1.23 -6.24 14.59
C THR A 258 2.56 -6.39 13.85
N SER A 259 2.80 -7.58 13.33
CA SER A 259 3.96 -7.81 12.48
C SER A 259 3.50 -8.62 11.27
N ALA A 260 4.03 -8.30 10.16
CA ALA A 260 3.62 -9.03 8.96
C ALA A 260 4.65 -10.10 8.62
N PRO A 261 4.26 -11.18 7.93
CA PRO A 261 5.26 -12.08 7.36
C PRO A 261 6.03 -11.38 6.26
N TYR A 262 7.25 -11.81 6.03
CA TYR A 262 8.06 -11.40 4.89
C TYR A 262 7.23 -11.65 3.59
N HIS A 263 7.21 -10.62 2.75
CA HIS A 263 6.52 -10.53 1.46
C HIS A 263 7.43 -10.41 0.25
N TYR A 264 6.98 -10.88 -0.91
CA TYR A 264 7.67 -10.60 -2.16
C TYR A 264 6.65 -10.71 -3.29
N HIS A 265 6.97 -10.08 -4.42
CA HIS A 265 6.11 -10.16 -5.60
C HIS A 265 6.82 -9.53 -6.79
N HIS A 266 6.37 -9.91 -7.98
CA HIS A 266 6.95 -9.36 -9.22
C HIS A 266 6.85 -7.85 -9.30
N PRO A 267 5.68 -7.21 -9.12
CA PRO A 267 5.61 -5.75 -9.36
C PRO A 267 6.46 -4.96 -8.39
N GLN A 268 7.16 -3.98 -8.93
CA GLN A 268 7.82 -2.97 -8.12
C GLN A 268 6.77 -2.16 -7.36
N GLU A 269 7.19 -1.61 -6.22
CA GLU A 269 6.21 -1.11 -5.26
C GLU A 269 6.81 0.08 -4.54
N ILE A 270 5.94 1.01 -4.14
CA ILE A 270 6.36 2.28 -3.54
C ILE A 270 5.49 2.54 -2.32
N TYR A 271 6.12 2.94 -1.23
CA TYR A 271 5.39 3.36 -0.03
C TYR A 271 5.85 4.75 0.39
N MET A 272 4.89 5.63 0.69
CA MET A 272 5.15 6.93 1.28
C MET A 272 4.46 7.00 2.64
N THR A 273 5.26 7.17 3.70
CA THR A 273 4.76 7.06 5.06
C THR A 273 4.04 8.34 5.48
N LEU A 274 2.78 8.20 5.90
CA LEU A 274 2.00 9.34 6.40
C LEU A 274 1.99 9.44 7.91
N THR A 275 2.00 8.30 8.61
CA THR A 275 1.87 8.32 10.07
C THR A 275 2.99 9.13 10.71
N LYS A 276 2.62 10.01 11.64
CA LYS A 276 3.61 10.64 12.51
C LYS A 276 3.82 9.73 13.72
N PRO A 277 4.99 9.11 13.89
CA PRO A 277 5.15 8.14 14.98
C PRO A 277 5.23 8.80 16.36
N GLN A 278 4.83 8.04 17.37
CA GLN A 278 4.89 8.49 18.75
C GLN A 278 6.18 8.10 19.45
N CYS A 279 6.98 7.25 18.82
CA CYS A 279 8.35 6.96 19.22
C CYS A 279 9.09 6.62 17.95
N ILE A 280 10.41 6.73 17.97
CA ILE A 280 11.12 6.65 16.69
C ILE A 280 10.96 5.27 16.07
N ASP A 281 10.78 4.22 16.89
CA ASP A 281 10.69 2.86 16.36
C ASP A 281 9.26 2.32 16.31
N GLN A 282 8.25 3.19 16.33
CA GLN A 282 6.87 2.70 16.28
C GLN A 282 6.60 1.90 15.01
N ASN A 283 7.10 2.37 13.87
CA ASN A 283 6.82 1.76 12.57
C ASN A 283 8.15 1.47 11.90
N LYS A 284 8.48 0.19 11.77
CA LYS A 284 9.73 -0.24 11.17
C LYS A 284 9.41 -1.00 9.89
N HIS A 285 10.27 -0.84 8.89
CA HIS A 285 10.10 -1.59 7.66
C HIS A 285 11.44 -2.15 7.23
N MET A 286 11.36 -3.16 6.39
CA MET A 286 12.51 -3.84 5.84
C MET A 286 12.27 -3.96 4.35
N VAL A 287 13.29 -3.66 3.54
CA VAL A 287 13.31 -4.09 2.15
C VAL A 287 14.75 -4.43 1.80
N MET A 288 14.97 -5.65 1.31
CA MET A 288 16.28 -6.09 0.86
C MET A 288 16.11 -6.88 -0.42
N HIS A 289 16.97 -6.61 -1.38
CA HIS A 289 16.89 -7.28 -2.67
C HIS A 289 17.02 -8.79 -2.50
N TRP A 290 16.34 -9.53 -3.39
CA TRP A 290 16.25 -10.98 -3.23
C TRP A 290 17.61 -11.63 -3.16
N ASP A 291 18.61 -11.04 -3.82
CA ASP A 291 19.96 -11.61 -3.88
C ASP A 291 20.89 -11.01 -2.84
N ASN A 292 20.36 -10.28 -1.86
CA ASN A 292 21.18 -9.74 -0.78
C ASN A 292 21.95 -10.85 -0.07
N ASN A 293 23.24 -10.61 0.15
CA ASN A 293 24.12 -11.59 0.80
C ASN A 293 23.74 -11.90 2.23
N GLN A 294 22.83 -11.14 2.85
CA GLN A 294 22.33 -11.52 4.16
C GLN A 294 21.42 -12.75 4.13
N PHE A 295 20.90 -13.12 2.97
CA PHE A 295 20.04 -14.30 2.84
C PHE A 295 20.85 -15.44 2.21
N LYS A 296 20.23 -16.62 2.18
CA LYS A 296 20.79 -17.76 1.45
C LYS A 296 19.87 -18.07 0.29
N GLN A 297 20.42 -18.06 -0.92
CA GLN A 297 19.66 -18.32 -2.13
C GLN A 297 20.08 -19.64 -2.76
N LYS A 298 19.13 -20.38 -3.29
CA LYS A 298 19.41 -21.59 -4.06
C LYS A 298 18.53 -21.58 -5.29
N ARG A 299 19.12 -21.83 -6.46
CA ARG A 299 18.33 -21.81 -7.69
C ARG A 299 17.27 -22.91 -7.63
N SER A 300 16.05 -22.57 -8.03
CA SER A 300 14.97 -23.51 -8.17
C SER A 300 14.61 -23.57 -9.65
N ASP A 301 13.56 -24.30 -9.96
CA ASP A 301 13.10 -24.39 -11.35
C ASP A 301 12.50 -23.05 -11.75
N ASN A 302 13.23 -22.30 -12.59
CA ASN A 302 12.83 -20.95 -13.02
C ASN A 302 12.52 -20.03 -11.83
N GLY A 303 13.32 -20.13 -10.79
CA GLY A 303 13.17 -19.22 -9.67
C GLY A 303 14.30 -19.37 -8.68
N TRP A 304 14.05 -18.89 -7.46
CA TRP A 304 15.02 -18.94 -6.37
C TRP A 304 14.32 -19.32 -5.08
N THR A 305 14.96 -20.21 -4.31
CA THR A 305 14.57 -20.47 -2.93
C THR A 305 15.40 -19.56 -2.03
N VAL A 306 14.74 -18.65 -1.32
CA VAL A 306 15.45 -17.69 -0.47
C VAL A 306 15.14 -18.06 0.98
N ASN A 307 16.20 -18.38 1.73
CA ASN A 307 16.06 -18.69 3.14
C ASN A 307 16.48 -17.48 3.98
N ILE A 308 15.62 -17.10 4.91
CA ILE A 308 15.85 -15.92 5.72
C ILE A 308 16.00 -16.35 7.17
N ASP A 309 17.11 -15.95 7.80
CA ASP A 309 17.37 -16.29 9.20
C ASP A 309 17.70 -15.01 9.96
N GLY A 310 16.66 -14.35 10.48
CA GLY A 310 16.83 -13.15 11.28
C GLY A 310 16.75 -13.48 12.76
N SER A 311 16.91 -14.77 13.10
CA SER A 311 16.79 -15.22 14.47
C SER A 311 17.92 -14.68 15.34
N LYS A 312 17.69 -14.72 16.65
CA LYS A 312 18.69 -14.33 17.64
C LYS A 312 19.09 -12.87 17.45
N GLY A 313 18.12 -12.02 17.14
CA GLY A 313 18.36 -10.61 16.97
C GLY A 313 18.95 -10.20 15.63
N LYS A 314 19.23 -11.14 14.74
CA LYS A 314 19.87 -10.78 13.48
C LYS A 314 18.97 -9.91 12.60
N TRP A 315 17.65 -9.97 12.82
CA TRP A 315 16.72 -9.20 12.00
C TRP A 315 16.82 -7.71 12.25
N LYS A 316 17.26 -7.29 13.45
CA LYS A 316 17.11 -5.89 13.84
C LYS A 316 17.81 -4.95 12.87
N LYS A 317 19.04 -5.27 12.49
CA LYS A 317 19.76 -4.39 11.57
C LYS A 317 19.12 -4.34 10.17
N TRP A 318 18.20 -5.25 9.85
CA TRP A 318 17.51 -5.24 8.57
C TRP A 318 16.36 -4.24 8.53
N PHE A 319 15.91 -3.76 9.68
CA PHE A 319 14.71 -2.95 9.78
C PHE A 319 15.07 -1.51 10.11
N SER A 320 14.39 -0.58 9.44
CA SER A 320 14.62 0.84 9.58
CA SER A 320 14.62 0.84 9.59
C SER A 320 13.35 1.51 10.07
N ASN A 321 13.50 2.58 10.83
CA ASN A 321 12.36 3.35 11.31
C ASN A 321 11.74 4.13 10.16
N GLN A 322 10.41 4.28 10.21
CA GLN A 322 9.65 5.01 9.19
C GLN A 322 9.02 6.25 9.79
N ASP A 323 9.05 7.35 9.04
CA ASP A 323 8.47 8.59 9.52
C ASP A 323 8.17 9.47 8.32
N PRO A 324 7.28 10.45 8.45
CA PRO A 324 6.88 11.23 7.26
C PRO A 324 7.87 12.32 6.87
N GLU A 325 9.00 12.45 7.57
CA GLU A 325 9.98 13.47 7.25
C GLU A 325 11.25 12.89 6.62
N GLN A 326 11.98 12.06 7.37
CA GLN A 326 13.29 11.57 6.92
C GLN A 326 13.18 10.26 6.13
N ASN A 327 12.78 9.18 6.81
CA ASN A 327 12.62 7.88 6.17
C ASN A 327 11.17 7.69 5.72
N TRP A 328 10.77 8.54 4.76
CA TRP A 328 9.38 8.61 4.33
C TRP A 328 9.10 7.89 3.00
N LEU A 329 10.13 7.55 2.23
CA LEU A 329 9.92 7.02 0.88
C LEU A 329 10.76 5.77 0.66
N THR A 330 10.14 4.73 0.13
CA THR A 330 10.87 3.51 -0.17
C THR A 330 10.33 2.89 -1.45
N TYR A 331 11.23 2.31 -2.24
CA TYR A 331 10.90 1.71 -3.53
C TYR A 331 11.43 0.28 -3.55
N PHE A 332 10.55 -0.67 -3.89
CA PHE A 332 10.91 -2.08 -3.87
C PHE A 332 11.15 -2.56 -5.30
N GLU A 333 12.36 -3.03 -5.59
CA GLU A 333 12.61 -3.65 -6.88
C GLU A 333 11.87 -5.00 -6.96
N ARG A 334 11.80 -5.56 -8.17
CA ARG A 334 11.05 -6.79 -8.38
C ARG A 334 11.56 -7.89 -7.44
N ASN A 335 10.63 -8.55 -6.76
CA ASN A 335 10.92 -9.67 -5.86
C ASN A 335 11.74 -9.28 -4.64
N ALA A 336 11.87 -7.98 -4.34
CA ALA A 336 12.56 -7.60 -3.11
C ALA A 336 11.77 -8.08 -1.89
N ILE A 337 12.48 -8.65 -0.93
CA ILE A 337 11.85 -9.12 0.30
C ILE A 337 11.52 -7.92 1.18
N HIS A 338 10.30 -7.86 1.70
CA HIS A 338 9.95 -6.70 2.52
C HIS A 338 8.95 -7.08 3.60
N ALA A 339 8.93 -6.27 4.65
CA ALA A 339 8.05 -6.49 5.79
C ALA A 339 7.83 -5.17 6.51
N PHE A 340 6.70 -5.08 7.21
CA PHE A 340 6.34 -3.94 8.05
C PHE A 340 6.04 -4.43 9.46
N HIS A 341 6.67 -3.81 10.45
CA HIS A 341 6.78 -4.37 11.78
C HIS A 341 6.43 -3.32 12.81
N THR A 342 5.39 -3.56 13.61
CA THR A 342 4.92 -2.57 14.56
C THR A 342 4.78 -3.16 15.96
N LEU A 343 5.77 -3.96 16.39
CA LEU A 343 5.77 -4.53 17.73
C LEU A 343 6.67 -3.79 18.71
N GLU A 344 7.60 -2.98 18.23
CA GLU A 344 8.66 -2.49 19.11
C GLU A 344 8.21 -1.27 19.90
N GLY A 345 8.92 -1.02 21.00
CA GLY A 345 8.89 0.30 21.60
C GLY A 345 7.51 0.69 22.10
N CYS A 346 7.07 1.89 21.71
CA CYS A 346 5.81 2.43 22.21
C CYS A 346 4.58 1.75 21.61
N ASN A 347 4.73 0.80 20.68
CA ASN A 347 3.58 -0.05 20.36
C ASN A 347 3.06 -0.78 21.58
N GLN A 348 3.85 -0.86 22.66
CA GLN A 348 3.44 -1.48 23.91
C GLN A 348 2.88 -0.48 24.92
N THR A 349 2.72 0.80 24.55
CA THR A 349 2.06 1.77 25.41
C THR A 349 0.98 2.59 24.73
N ILE A 350 0.97 2.68 23.39
CA ILE A 350 0.04 3.57 22.70
C ILE A 350 -1.31 2.88 22.50
N LYS A 351 -2.28 3.60 21.95
CA LYS A 351 -3.57 3.03 21.61
C LYS A 351 -4.07 3.71 20.34
N ASN A 352 -4.97 3.04 19.63
CA ASN A 352 -5.63 3.62 18.45
C ASN A 352 -4.61 4.27 17.51
N SER A 353 -3.60 3.47 17.14
CA SER A 353 -2.49 3.95 16.33
C SER A 353 -2.15 2.89 15.29
N GLY A 354 -1.21 3.22 14.41
CA GLY A 354 -0.78 2.24 13.44
C GLY A 354 0.17 2.85 12.43
N LEU A 355 0.22 2.24 11.26
CA LEU A 355 1.05 2.68 10.14
C LEU A 355 0.13 2.91 8.94
N VAL A 356 0.08 4.15 8.47
CA VAL A 356 -0.74 4.54 7.32
C VAL A 356 0.18 5.12 6.26
N THR A 357 -0.03 4.71 5.00
CA THR A 357 0.86 5.11 3.92
C THR A 357 0.06 5.43 2.66
N VAL A 358 0.69 6.18 1.76
CA VAL A 358 0.30 6.21 0.35
C VAL A 358 1.05 5.09 -0.35
N TRP A 359 0.31 4.20 -1.03
CA TRP A 359 0.89 2.98 -1.57
C TRP A 359 0.79 2.96 -3.09
N ALA A 360 1.75 2.30 -3.73
CA ALA A 360 1.64 2.18 -5.18
C ALA A 360 2.42 0.98 -5.68
N ARG A 361 1.96 0.44 -6.82
CA ARG A 361 2.79 -0.42 -7.63
C ARG A 361 2.95 0.22 -9.00
N THR A 362 4.06 -0.07 -9.68
CA THR A 362 4.36 0.61 -10.93
C THR A 362 4.09 -0.22 -12.18
N THR A 363 3.93 -1.54 -12.06
CA THR A 363 3.79 -2.43 -13.23
C THR A 363 2.64 -3.42 -13.00
N ALA A 364 1.44 -2.90 -12.74
CA ALA A 364 0.32 -3.74 -12.34
C ALA A 364 -0.28 -4.53 -13.49
N GLN A 365 0.22 -4.37 -14.72
CA GLN A 365 -0.35 -5.06 -15.88
C GLN A 365 0.65 -5.97 -16.58
N ASP A 366 1.74 -6.33 -15.92
CA ASP A 366 2.59 -7.37 -16.49
C ASP A 366 3.10 -8.26 -15.37
N ASN A 367 3.49 -9.49 -15.75
CA ASN A 367 3.95 -10.52 -14.83
C ASN A 367 2.89 -10.87 -13.78
N ASN A 368 3.27 -11.62 -12.74
CA ASN A 368 2.34 -12.14 -11.76
C ASN A 368 2.11 -11.11 -10.65
N GLN A 369 0.87 -10.63 -10.53
CA GLN A 369 0.53 -9.63 -9.52
C GLN A 369 0.36 -10.22 -8.12
N THR A 370 0.43 -11.55 -7.97
CA THR A 370 0.17 -12.19 -6.68
C THR A 370 1.14 -11.69 -5.61
N THR A 371 0.58 -11.26 -4.47
CA THR A 371 1.38 -10.97 -3.30
C THR A 371 1.81 -12.27 -2.64
N GLN A 372 3.09 -12.58 -2.70
CA GLN A 372 3.58 -13.84 -2.15
C GLN A 372 4.05 -13.66 -0.71
N LEU A 373 3.78 -14.68 0.11
CA LEU A 373 4.19 -14.69 1.50
C LEU A 373 5.26 -15.74 1.71
N CYS A 374 6.33 -15.37 2.40
CA CYS A 374 7.25 -16.40 2.85
C CYS A 374 6.57 -17.24 3.94
N ARG A 375 7.07 -18.45 4.13
CA ARG A 375 6.43 -19.34 5.08
C ARG A 375 7.45 -19.73 6.15
N PRO A 376 7.01 -20.08 7.35
CA PRO A 376 7.97 -20.45 8.39
C PRO A 376 8.73 -21.70 7.99
N MET A 377 10.02 -21.72 8.28
CA MET A 377 10.80 -22.92 8.02
C MET A 377 10.33 -24.09 8.89
N THR A 378 9.73 -23.79 10.05
CA THR A 378 9.25 -24.78 10.99
C THR A 378 7.86 -25.31 10.68
N GLY A 379 7.24 -24.91 9.58
CA GLY A 379 5.96 -25.44 9.18
C GLY A 379 4.78 -24.55 9.54
N ALA A 380 3.60 -24.99 9.08
CA ALA A 380 2.37 -24.20 9.23
C ALA A 380 1.97 -23.98 10.69
N LYS A 381 2.46 -24.81 11.61
CA LYS A 381 2.10 -24.68 13.02
C LYS A 381 2.47 -23.31 13.59
N ASP A 382 3.44 -22.63 12.99
CA ASP A 382 3.94 -21.37 13.55
C ASP A 382 3.55 -20.15 12.72
N ILE A 383 2.55 -20.29 11.83
CA ILE A 383 2.11 -19.14 11.04
C ILE A 383 1.58 -18.04 11.97
N LYS A 384 0.79 -18.41 12.99
CA LYS A 384 0.13 -17.39 13.79
C LYS A 384 1.08 -16.56 14.65
N THR A 385 2.37 -16.88 14.69
CA THR A 385 3.32 -16.08 15.46
C THR A 385 4.45 -15.54 14.59
N MET A 386 4.33 -15.62 13.27
CA MET A 386 5.40 -15.16 12.39
C MET A 386 5.79 -13.74 12.70
N LYS A 387 7.10 -13.50 12.69
CA LYS A 387 7.66 -12.19 12.98
C LYS A 387 9.08 -12.17 12.43
N PRO A 388 9.70 -10.99 12.32
CA PRO A 388 11.01 -10.92 11.62
C PRO A 388 12.06 -11.90 12.13
N GLU A 389 12.02 -12.31 13.40
CA GLU A 389 13.06 -13.18 13.92
C GLU A 389 12.85 -14.65 13.56
N ASP A 390 11.71 -15.02 12.99
CA ASP A 390 11.44 -16.42 12.68
C ASP A 390 12.03 -16.76 11.32
N LYS A 391 12.79 -17.86 11.27
CA LYS A 391 13.36 -18.34 10.02
C LYS A 391 12.25 -18.62 9.01
N ALA A 392 12.46 -18.19 7.77
CA ALA A 392 11.42 -18.29 6.76
C ALA A 392 12.01 -18.70 5.42
N ILE A 393 11.14 -19.27 4.57
CA ILE A 393 11.49 -19.70 3.23
C ILE A 393 10.59 -18.96 2.24
N CYS A 394 11.21 -18.38 1.21
CA CYS A 394 10.49 -17.63 0.18
C CYS A 394 10.75 -18.29 -1.17
N ASP A 395 9.69 -18.71 -1.83
CA ASP A 395 9.80 -19.39 -3.12
C ASP A 395 9.55 -18.37 -4.22
N LEU A 396 10.63 -17.76 -4.72
CA LEU A 396 10.53 -16.69 -5.73
C LEU A 396 10.50 -17.27 -7.14
N ASP A 397 9.73 -16.64 -8.02
CA ASP A 397 9.63 -17.03 -9.42
C ASP A 397 10.31 -15.99 -10.29
N ASP A 398 11.00 -16.45 -11.33
CA ASP A 398 11.52 -15.54 -12.35
C ASP A 398 10.39 -14.69 -12.92
N TRP A 399 10.71 -13.47 -13.32
CA TRP A 399 9.76 -12.66 -14.07
C TRP A 399 10.21 -12.61 -15.52
N LYS A 400 9.33 -12.15 -16.37
CA LYS A 400 9.59 -12.02 -17.79
C LYS A 400 10.28 -10.68 -18.09
N PRO A 401 11.42 -10.70 -18.79
CA PRO A 401 12.22 -9.53 -19.17
C PRO A 401 11.48 -8.49 -20.01
#